data_8GP6
#
_entry.id   8GP6
#
_cell.length_a   41.275
_cell.length_b   122.008
_cell.length_c   123.909
_cell.angle_alpha   90.000
_cell.angle_beta   90.000
_cell.angle_gamma   90.000
#
_symmetry.space_group_name_H-M   'P 2 21 21'
#
loop_
_entity.id
_entity.type
_entity.pdbx_description
1 polymer 'Myristoylated protein G9'
2 polymer 'Virion membrane protein A16'
3 non-polymer GLYCEROL
#
loop_
_entity_poly.entity_id
_entity_poly.type
_entity_poly.pdbx_seq_one_letter_code
_entity_poly.pdbx_strand_id
1 'polypeptide(L)'
;MGGGVSVELPKRDPPPGVPTDEMLLNVDKMHDVIAPAKLLEYVHIGPLAKDKEDKVKKRYPEFRLVNTGPGGLSALLRQS
YNGTAPNCCRTFNRTHYWKKDGKISDKYEEGAVLESCWPDVHDTGKCDVDLFDWCQGDTFDRNICHQWIGSAFNRSNRTV
EGQQSLINLYNKMQTLCSKDASVPICESFLHHLRAHNTEDSKEMIDYILRQQSADFKQKYMRCSYPTRDKLEESLKYAEP
RECWDPECSNANVNFLLTRNYNNLGLCNIVRCNTSVNNLQMDKTSSLRLSCGLSNSDRFSTVPVNRAKVVQHNIKHSFDW
SHPQFEK
;
B
2 'polypeptide(L)'
;MGAAVTLNRIKIAPGIADIRDKYMELGFNYPEYNRAVKFAEESYTYYYETSPGEIKPKFCLIDGMSIDHCSSFIVPEFAK
QYVLIHGEPCSSFKFRPGSLIYYQNEVTPEYIKDLKHATDYIASGQRCHFIKKDYLLGDSDSVAKCCSKTNTKHCPKIFN
NNYKTEHCDDFMTGFCRNDPGNPNCLEWLRAKRKPAMSTYSDICSKHMDARYCSEFIRIIRPDYFTFGDTALYVFCNDHK
GNRNCWCANYPKSNSGDKYLGPRVCWLHECTDESRDRKWLYYNQDVQRTRCKYVGCTINVNSLALKNSQAELTSNCTRTT
SAVGDVHPGEPVVKDKIKLPTWHHHHHH
;
A
#
loop_
_chem_comp.id
_chem_comp.type
_chem_comp.name
_chem_comp.formula
GOL non-polymer GLYCEROL 'C3 H8 O3'
#
# COMPACT_ATOMS: atom_id res chain seq x y z
N GLU A 8 48.11 -33.82 -20.45
CA GLU A 8 49.02 -33.28 -19.40
C GLU A 8 48.24 -32.72 -18.24
N LEU A 9 47.47 -31.66 -18.45
CA LEU A 9 46.82 -31.00 -17.30
C LEU A 9 45.66 -31.86 -16.81
N PRO A 10 45.51 -32.01 -15.49
CA PRO A 10 44.37 -32.73 -14.98
C PRO A 10 43.14 -31.80 -14.97
N LYS A 11 42.37 -31.82 -16.04
CA LYS A 11 41.30 -30.88 -16.23
C LYS A 11 39.98 -31.29 -15.59
N ARG A 12 39.34 -30.40 -14.84
CA ARG A 12 37.99 -30.68 -14.31
C ARG A 12 37.09 -29.56 -14.76
N ASP A 13 35.99 -29.93 -15.38
CA ASP A 13 35.03 -28.95 -15.80
C ASP A 13 34.16 -28.60 -14.60
N PRO A 14 33.74 -27.33 -14.48
CA PRO A 14 32.92 -27.07 -13.27
C PRO A 14 31.62 -27.86 -13.22
N PRO A 15 31.14 -28.20 -12.01
CA PRO A 15 29.85 -28.86 -11.85
C PRO A 15 28.78 -28.04 -12.55
N PRO A 16 27.82 -28.69 -13.20
CA PRO A 16 26.88 -27.92 -14.01
C PRO A 16 26.07 -26.89 -13.20
N GLY A 17 25.93 -25.70 -13.77
CA GLY A 17 25.26 -24.61 -13.10
C GLY A 17 23.78 -24.88 -12.89
N VAL A 18 23.28 -24.54 -11.72
CA VAL A 18 21.86 -24.70 -11.41
C VAL A 18 21.31 -23.42 -10.85
N PRO A 19 20.64 -22.58 -11.67
CA PRO A 19 20.27 -21.25 -11.14
C PRO A 19 19.21 -21.15 -10.03
N THR A 20 19.00 -19.94 -9.59
CA THR A 20 18.06 -19.65 -8.54
C THR A 20 17.01 -18.72 -9.10
N ASP A 21 16.00 -18.46 -8.30
CA ASP A 21 14.94 -17.59 -8.74
C ASP A 21 15.46 -16.19 -9.05
N GLU A 22 16.41 -15.73 -8.25
CA GLU A 22 16.93 -14.40 -8.41
C GLU A 22 17.54 -14.28 -9.75
N MET A 23 18.25 -15.32 -10.10
CA MET A 23 18.96 -15.32 -11.35
C MET A 23 17.98 -15.35 -12.51
N LEU A 24 16.79 -15.90 -12.32
CA LEU A 24 15.84 -15.99 -13.42
C LEU A 24 14.91 -14.81 -13.48
N LEU A 25 14.98 -13.90 -12.52
CA LEU A 25 14.09 -12.76 -12.50
C LEU A 25 14.28 -11.84 -13.72
N ASN A 26 13.21 -11.14 -14.11
CA ASN A 26 13.26 -10.21 -15.23
C ASN A 26 12.39 -9.00 -14.95
N VAL A 27 13.05 -7.87 -14.69
CA VAL A 27 12.41 -6.57 -14.46
C VAL A 27 11.30 -6.17 -15.46
N ASP A 28 11.40 -6.61 -16.71
CA ASP A 28 10.30 -6.39 -17.67
C ASP A 28 8.97 -6.93 -17.18
N LYS A 29 9.00 -7.97 -16.34
CA LYS A 29 7.82 -8.64 -15.86
C LYS A 29 7.38 -8.17 -14.46
N MET A 30 8.03 -7.15 -13.90
CA MET A 30 8.04 -6.96 -12.46
C MET A 30 7.33 -5.74 -11.93
N HIS A 31 6.61 -5.04 -12.80
CA HIS A 31 5.96 -3.78 -12.41
C HIS A 31 5.01 -3.98 -11.23
N ASP A 32 4.26 -5.08 -11.23
CA ASP A 32 3.41 -5.42 -10.07
C ASP A 32 4.21 -5.77 -8.81
N VAL A 33 5.47 -6.19 -8.97
CA VAL A 33 6.36 -6.47 -7.83
C VAL A 33 7.00 -5.21 -7.25
N ILE A 34 7.31 -4.27 -8.15
CA ILE A 34 8.16 -3.12 -7.82
C ILE A 34 7.38 -1.92 -7.33
N ALA A 35 6.21 -1.67 -7.91
CA ALA A 35 5.41 -0.47 -7.55
C ALA A 35 5.06 -0.41 -6.08
N PRO A 36 4.52 -1.50 -5.52
CA PRO A 36 4.17 -1.48 -4.09
C PRO A 36 5.31 -1.47 -3.08
N ALA A 37 6.56 -1.58 -3.54
CA ALA A 37 7.71 -1.52 -2.65
C ALA A 37 7.79 -0.21 -1.92
N LYS A 38 8.36 -0.27 -0.72
CA LYS A 38 8.47 0.89 0.15
C LYS A 38 9.87 1.43 0.15
N LEU A 39 9.99 2.66 0.62
CA LEU A 39 11.27 3.27 0.93
C LEU A 39 12.25 2.29 1.59
N LEU A 40 13.48 2.29 1.09
CA LEU A 40 14.58 1.46 1.61
C LEU A 40 14.44 -0.09 1.58
N GLU A 41 13.50 -0.58 0.81
CA GLU A 41 13.26 -2.02 0.65
C GLU A 41 13.89 -2.43 -0.67
N TYR A 42 14.86 -3.33 -0.62
CA TYR A 42 15.63 -3.66 -1.81
C TYR A 42 14.89 -4.65 -2.69
N VAL A 43 14.42 -4.19 -3.84
CA VAL A 43 13.65 -5.03 -4.73
C VAL A 43 14.54 -5.69 -5.73
N HIS A 44 14.86 -6.97 -5.49
CA HIS A 44 15.76 -7.70 -6.40
C HIS A 44 15.11 -7.95 -7.79
N ILE A 45 15.87 -7.73 -8.86
CA ILE A 45 15.34 -7.80 -10.22
C ILE A 45 16.09 -8.69 -11.25
N GLY A 46 17.07 -9.46 -10.81
CA GLY A 46 17.77 -10.35 -11.70
C GLY A 46 18.95 -9.70 -12.39
N PRO A 47 19.68 -10.51 -13.20
CA PRO A 47 20.73 -9.88 -13.97
C PRO A 47 20.21 -8.86 -14.94
N LEU A 48 20.83 -7.69 -14.95
CA LEU A 48 20.46 -6.66 -15.87
C LEU A 48 21.67 -6.22 -16.66
N ALA A 49 21.53 -6.21 -17.98
CA ALA A 49 22.64 -5.80 -18.83
C ALA A 49 22.82 -4.30 -18.77
N LYS A 50 24.03 -3.85 -19.00
CA LYS A 50 24.31 -2.44 -18.92
C LYS A 50 23.51 -1.59 -19.89
N ASP A 51 23.26 -2.12 -21.07
CA ASP A 51 22.52 -1.40 -22.09
C ASP A 51 21.04 -1.36 -21.78
N LYS A 52 20.64 -1.88 -20.63
CA LYS A 52 19.25 -1.78 -20.21
C LYS A 52 19.07 -0.81 -19.05
N GLU A 53 20.15 -0.43 -18.40
CA GLU A 53 20.07 0.37 -17.15
C GLU A 53 19.26 1.66 -17.31
N ASP A 54 19.41 2.35 -18.45
CA ASP A 54 18.67 3.60 -18.65
C ASP A 54 17.17 3.39 -18.75
N LYS A 55 16.71 2.40 -19.51
CA LYS A 55 15.24 2.10 -19.60
C LYS A 55 14.62 1.97 -18.22
N VAL A 56 15.26 1.14 -17.41
CA VAL A 56 14.78 0.84 -16.08
C VAL A 56 14.85 2.06 -15.15
N LYS A 57 15.90 2.85 -15.25
CA LYS A 57 15.98 4.13 -14.53
C LYS A 57 14.91 5.14 -14.99
N LYS A 58 14.58 5.13 -16.28
CA LYS A 58 13.52 5.99 -16.82
C LYS A 58 12.15 5.65 -16.22
N ARG A 59 11.82 4.38 -16.35
CA ARG A 59 10.57 3.80 -15.88
C ARG A 59 10.30 4.00 -14.39
N TYR A 60 11.36 3.92 -13.56
CA TYR A 60 11.24 3.89 -12.11
C TYR A 60 12.10 4.97 -11.46
N PRO A 61 11.86 6.24 -11.86
CA PRO A 61 12.68 7.38 -11.42
C PRO A 61 12.72 7.64 -9.92
N GLU A 62 11.73 7.16 -9.19
CA GLU A 62 11.74 7.23 -7.72
C GLU A 62 12.66 6.23 -7.07
N PHE A 63 13.28 5.35 -7.86
CA PHE A 63 14.16 4.31 -7.34
C PHE A 63 15.60 4.53 -7.74
N ARG A 64 16.52 4.16 -6.85
CA ARG A 64 17.93 4.08 -7.19
C ARG A 64 18.19 2.71 -7.75
N LEU A 65 18.96 2.63 -8.84
CA LEU A 65 19.34 1.36 -9.47
C LEU A 65 20.65 0.88 -8.89
N VAL A 66 20.63 -0.31 -8.27
CA VAL A 66 21.80 -0.82 -7.54
C VAL A 66 22.25 -2.13 -8.15
N ASN A 67 23.55 -2.36 -8.08
CA ASN A 67 24.17 -3.61 -8.46
C ASN A 67 24.42 -4.35 -7.16
N THR A 68 23.76 -5.48 -7.03
CA THR A 68 23.78 -6.25 -5.82
C THR A 68 24.85 -7.28 -5.91
N GLY A 69 25.08 -7.82 -7.10
CA GLY A 69 26.08 -8.87 -7.26
C GLY A 69 26.67 -9.07 -8.63
N PRO A 70 27.42 -10.18 -8.77
CA PRO A 70 28.03 -10.53 -10.04
C PRO A 70 27.03 -10.78 -11.14
N GLY A 71 27.55 -10.89 -12.35
CA GLY A 71 26.74 -11.12 -13.52
C GLY A 71 25.52 -10.25 -13.67
N GLY A 72 25.64 -8.96 -13.41
CA GLY A 72 24.53 -8.04 -13.60
C GLY A 72 23.44 -8.09 -12.55
N LEU A 73 23.60 -8.91 -11.49
CA LEU A 73 22.58 -8.97 -10.44
C LEU A 73 22.41 -7.61 -9.80
N SER A 74 21.16 -7.25 -9.59
CA SER A 74 20.76 -5.88 -9.41
C SER A 74 19.50 -5.79 -8.61
N ALA A 75 19.23 -4.59 -8.11
CA ALA A 75 18.03 -4.28 -7.32
C ALA A 75 17.65 -2.82 -7.50
N LEU A 76 16.38 -2.51 -7.25
CA LEU A 76 15.87 -1.15 -7.18
C LEU A 76 15.55 -0.79 -5.75
N LEU A 77 15.98 0.38 -5.33
CA LEU A 77 15.76 0.84 -3.97
C LEU A 77 14.95 2.10 -4.04
N ARG A 78 13.75 2.11 -3.47
CA ARG A 78 12.90 3.27 -3.57
C ARG A 78 13.53 4.39 -2.79
N GLN A 79 13.50 5.59 -3.35
CA GLN A 79 14.01 6.80 -2.72
C GLN A 79 12.94 7.82 -2.36
N SER A 80 11.86 7.86 -3.15
CA SER A 80 10.86 8.90 -2.96
C SER A 80 9.52 8.55 -3.49
N TYR A 81 8.56 9.38 -3.16
CA TYR A 81 7.24 9.26 -3.73
C TYR A 81 7.08 10.59 -4.38
N ASN A 82 7.03 10.61 -5.70
CA ASN A 82 6.99 11.87 -6.44
C ASN A 82 5.63 12.08 -7.11
N GLY A 83 4.63 11.32 -6.71
CA GLY A 83 3.27 11.48 -7.21
C GLY A 83 2.72 12.79 -6.74
N THR A 84 1.84 13.39 -7.51
CA THR A 84 1.40 14.75 -7.18
C THR A 84 0.05 14.84 -6.50
N ALA A 85 -0.11 15.85 -5.66
CA ALA A 85 -1.39 16.14 -5.03
C ALA A 85 -2.56 16.10 -6.02
N PRO A 86 -2.49 16.86 -7.11
CA PRO A 86 -3.57 16.74 -8.07
C PRO A 86 -3.98 15.33 -8.41
N ASN A 87 -3.02 14.43 -8.54
CA ASN A 87 -3.31 13.03 -8.89
C ASN A 87 -3.46 12.05 -7.71
N CYS A 88 -2.96 12.43 -6.55
CA CYS A 88 -3.02 11.60 -5.35
C CYS A 88 -4.11 11.99 -4.35
N CYS A 89 -4.30 13.29 -4.16
CA CYS A 89 -5.20 13.81 -3.16
C CYS A 89 -6.66 13.72 -3.52
N ARG A 90 -6.98 13.73 -4.79
CA ARG A 90 -8.36 13.80 -5.24
C ARG A 90 -8.92 12.43 -5.51
N THR A 91 -8.57 11.47 -4.66
CA THR A 91 -8.91 10.08 -4.86
C THR A 91 -8.41 9.26 -3.67
N PHE A 92 -9.21 8.30 -3.23
CA PHE A 92 -8.73 7.27 -2.31
C PHE A 92 -8.41 5.96 -3.01
N ASN A 93 -8.72 5.95 -4.31
CA ASN A 93 -8.68 4.78 -5.20
C ASN A 93 -7.25 4.26 -5.30
N ARG A 94 -6.32 5.16 -5.64
CA ARG A 94 -5.07 4.77 -6.22
C ARG A 94 -3.80 5.25 -5.47
N THR A 95 -2.82 4.34 -5.41
CA THR A 95 -1.52 4.56 -4.80
C THR A 95 -0.44 4.92 -5.81
N HIS A 96 -0.73 4.83 -7.10
CA HIS A 96 0.24 5.19 -8.12
C HIS A 96 -0.44 5.33 -9.47
N TYR A 97 0.31 5.88 -10.41
CA TYR A 97 -0.15 6.02 -11.77
C TYR A 97 1.03 5.98 -12.70
N TRP A 98 0.78 5.66 -13.95
CA TRP A 98 1.86 5.55 -14.93
C TRP A 98 1.72 6.69 -15.90
N LYS A 99 2.80 7.42 -16.16
CA LYS A 99 2.72 8.63 -16.97
C LYS A 99 3.36 8.52 -18.35
N LYS A 100 2.65 8.89 -19.40
CA LYS A 100 3.25 8.90 -20.73
C LYS A 100 2.75 10.05 -21.57
N ASP A 101 3.66 10.79 -22.21
CA ASP A 101 3.28 11.85 -23.16
C ASP A 101 2.31 12.87 -22.58
N GLY A 102 2.53 13.26 -21.33
CA GLY A 102 1.66 14.24 -20.67
C GLY A 102 0.36 13.63 -20.16
N LYS A 103 0.15 12.33 -20.38
CA LYS A 103 -1.08 11.67 -19.96
C LYS A 103 -0.82 10.75 -18.77
N ILE A 104 -1.85 10.47 -18.00
CA ILE A 104 -1.71 9.65 -16.83
C ILE A 104 -2.65 8.51 -17.02
N SER A 105 -2.19 7.30 -16.80
CA SER A 105 -3.02 6.13 -17.00
C SER A 105 -2.93 5.31 -15.76
N ASP A 106 -4.06 4.74 -15.36
CA ASP A 106 -4.05 3.83 -14.21
C ASP A 106 -3.28 2.60 -14.57
N LYS A 107 -3.48 2.10 -15.79
CA LYS A 107 -2.86 0.84 -16.17
C LYS A 107 -1.45 1.02 -16.70
N TYR A 108 -0.59 0.05 -16.43
CA TYR A 108 0.79 0.09 -16.90
C TYR A 108 0.87 0.01 -18.41
N GLU A 109 1.69 0.88 -18.98
CA GLU A 109 1.97 0.85 -20.41
C GLU A 109 3.48 0.94 -20.53
N GLU A 110 4.04 0.28 -21.54
CA GLU A 110 5.47 0.37 -21.74
C GLU A 110 5.79 1.75 -22.28
N GLY A 111 6.91 2.31 -21.85
CA GLY A 111 7.29 3.66 -22.25
C GLY A 111 6.86 4.59 -21.15
N ALA A 112 5.90 4.15 -20.32
CA ALA A 112 5.41 5.00 -19.25
C ALA A 112 6.37 5.05 -18.06
N VAL A 113 6.30 6.14 -17.32
CA VAL A 113 7.05 6.34 -16.10
C VAL A 113 6.11 6.28 -14.90
N LEU A 114 6.48 5.45 -13.93
CA LEU A 114 5.70 5.28 -12.70
C LEU A 114 5.86 6.45 -11.74
N GLU A 115 4.73 7.00 -11.28
CA GLU A 115 4.70 7.90 -10.13
C GLU A 115 3.84 7.30 -9.02
N SER A 116 4.31 7.48 -7.78
CA SER A 116 3.73 6.75 -6.64
C SER A 116 3.25 7.77 -5.65
N CYS A 117 2.06 7.54 -5.10
CA CYS A 117 1.49 8.42 -4.09
C CYS A 117 2.06 8.11 -2.72
N TRP A 118 2.25 9.16 -1.91
CA TRP A 118 2.66 9.04 -0.51
C TRP A 118 1.67 8.18 0.27
N PRO A 119 2.14 7.18 1.04
CA PRO A 119 1.24 6.23 1.74
C PRO A 119 0.38 6.83 2.82
N ASP A 120 -0.85 6.36 2.96
CA ASP A 120 -1.79 6.91 3.93
C ASP A 120 -1.82 8.45 3.89
N VAL A 121 -1.59 9.04 2.71
CA VAL A 121 -1.34 10.50 2.62
C VAL A 121 -2.41 11.40 3.24
N HIS A 122 -3.68 11.05 3.07
CA HIS A 122 -4.77 11.85 3.64
C HIS A 122 -4.73 11.93 5.17
N ASP A 123 -4.40 10.82 5.82
CA ASP A 123 -4.10 10.82 7.27
C ASP A 123 -2.91 11.66 7.70
N THR A 124 -2.05 12.05 6.77
CA THR A 124 -0.93 12.91 7.11
C THR A 124 -1.27 14.39 7.04
N GLY A 125 -2.32 14.77 6.30
CA GLY A 125 -2.65 16.20 6.13
C GLY A 125 -1.97 16.98 5.00
N LYS A 126 -1.08 16.30 4.30
CA LYS A 126 -0.46 16.83 3.11
C LYS A 126 -1.39 17.03 1.91
N CYS A 127 -2.60 16.50 1.94
CA CYS A 127 -3.61 16.83 0.94
C CYS A 127 -4.54 17.96 1.35
N ASP A 128 -4.36 18.51 2.56
CA ASP A 128 -5.32 19.47 3.07
C ASP A 128 -5.32 20.80 2.31
N VAL A 129 -4.17 21.22 1.80
CA VAL A 129 -4.13 22.50 1.07
C VAL A 129 -4.74 22.34 -0.32
N ASP A 130 -4.57 21.19 -0.95
CA ASP A 130 -5.16 20.91 -2.27
C ASP A 130 -6.70 20.84 -2.28
N LEU A 131 -7.25 20.14 -1.29
CA LEU A 131 -8.68 19.80 -1.25
C LEU A 131 -9.53 20.95 -0.74
N PHE A 132 -8.95 21.67 0.21
CA PHE A 132 -9.48 22.96 0.62
C PHE A 132 -9.77 23.84 -0.59
N ASP A 133 -8.89 23.85 -1.57
CA ASP A 133 -9.14 24.61 -2.78
C ASP A 133 -10.12 23.84 -3.64
N TRP A 134 -9.69 22.67 -4.05
CA TRP A 134 -10.42 21.90 -4.99
C TRP A 134 -11.91 21.77 -4.56
N CYS A 135 -12.17 21.29 -3.33
CA CYS A 135 -13.56 21.07 -2.88
C CYS A 135 -14.35 22.35 -2.74
N GLN A 136 -13.65 23.46 -2.53
CA GLN A 136 -14.30 24.77 -2.38
C GLN A 136 -14.40 25.47 -3.72
N GLY A 137 -15.34 25.02 -4.54
CA GLY A 137 -15.54 25.63 -5.85
C GLY A 137 -16.57 24.83 -6.62
N ASP A 138 -16.47 24.85 -7.94
CA ASP A 138 -17.34 23.99 -8.76
C ASP A 138 -16.52 22.75 -8.99
N THR A 139 -15.34 22.71 -8.39
CA THR A 139 -14.48 21.55 -8.50
C THR A 139 -14.84 20.51 -7.44
N PHE A 140 -15.85 20.81 -6.64
CA PHE A 140 -16.34 19.92 -5.61
C PHE A 140 -16.81 18.58 -6.16
N ASP A 141 -16.29 17.47 -5.64
CA ASP A 141 -16.78 16.15 -5.97
C ASP A 141 -17.34 15.72 -4.65
N ARG A 142 -18.65 15.59 -4.60
CA ARG A 142 -19.32 15.33 -3.36
C ARG A 142 -18.69 14.18 -2.61
N ASN A 143 -18.63 13.03 -3.27
CA ASN A 143 -18.15 11.80 -2.65
C ASN A 143 -16.75 11.93 -2.12
N ILE A 144 -15.84 12.46 -2.92
CA ILE A 144 -14.43 12.67 -2.54
C ILE A 144 -14.36 13.68 -1.40
N CYS A 145 -15.12 14.74 -1.54
CA CYS A 145 -15.00 15.85 -0.62
C CYS A 145 -15.59 15.52 0.74
N HIS A 146 -16.68 14.77 0.75
CA HIS A 146 -17.22 14.24 2.00
C HIS A 146 -16.22 13.28 2.67
N GLN A 147 -15.80 12.28 1.93
CA GLN A 147 -14.79 11.34 2.41
C GLN A 147 -13.60 11.98 3.11
N TRP A 148 -13.08 13.03 2.50
CA TRP A 148 -11.95 13.82 3.03
C TRP A 148 -12.17 14.38 4.44
N ILE A 149 -13.37 14.86 4.72
CA ILE A 149 -13.69 15.48 6.00
C ILE A 149 -13.91 14.38 7.02
N GLY A 150 -14.67 13.35 6.63
CA GLY A 150 -14.85 12.15 7.44
C GLY A 150 -13.54 11.67 8.01
N SER A 151 -12.61 11.38 7.14
CA SER A 151 -11.38 10.75 7.53
C SER A 151 -10.43 11.72 8.20
N ALA A 152 -10.59 13.01 7.97
CA ALA A 152 -9.79 13.99 8.68
C ALA A 152 -10.06 13.88 10.19
N PHE A 153 -11.32 13.71 10.56
CA PHE A 153 -11.70 13.41 11.95
C PHE A 153 -11.03 12.17 12.51
N ASN A 154 -10.82 11.15 11.69
CA ASN A 154 -10.21 9.92 12.19
C ASN A 154 -8.74 10.02 12.51
N ARG A 155 -8.14 11.16 12.25
CA ARG A 155 -6.73 11.33 12.51
C ARG A 155 -6.56 11.64 13.98
N SER A 156 -7.66 11.70 14.71
CA SER A 156 -7.62 12.03 16.11
C SER A 156 -6.77 11.04 16.92
N ASN A 157 -6.86 9.76 16.58
CA ASN A 157 -6.20 8.75 17.35
C ASN A 157 -4.99 8.21 16.64
N ARG A 158 -4.40 8.98 15.75
CA ARG A 158 -3.34 8.41 14.93
C ARG A 158 -1.92 8.90 15.20
N THR A 159 -1.54 10.04 14.65
CA THR A 159 -0.15 10.49 14.66
C THR A 159 -0.10 11.98 14.96
N VAL A 160 1.04 12.45 15.47
CA VAL A 160 1.14 13.84 15.86
C VAL A 160 0.93 14.69 14.62
N GLU A 161 1.47 14.23 13.52
CA GLU A 161 1.32 14.96 12.28
C GLU A 161 -0.15 15.09 11.91
N GLY A 162 -0.88 13.98 12.01
CA GLY A 162 -2.28 13.95 11.63
C GLY A 162 -3.17 14.66 12.60
N GLN A 163 -2.75 14.70 13.85
CA GLN A 163 -3.49 15.44 14.86
C GLN A 163 -3.30 16.93 14.73
N GLN A 164 -2.09 17.40 14.38
CA GLN A 164 -1.93 18.82 14.04
C GLN A 164 -2.72 19.16 12.81
N SER A 165 -2.54 18.38 11.75
CA SER A 165 -3.38 18.46 10.58
C SER A 165 -4.81 18.71 10.99
N LEU A 166 -5.32 17.81 11.82
CA LEU A 166 -6.70 17.84 12.20
C LEU A 166 -6.98 19.22 12.78
N ILE A 167 -6.13 19.64 13.71
CA ILE A 167 -6.27 20.88 14.42
C ILE A 167 -6.26 21.99 13.40
N ASN A 168 -5.19 22.14 12.65
CA ASN A 168 -5.04 23.24 11.71
C ASN A 168 -6.23 23.38 10.78
N LEU A 169 -6.63 22.28 10.19
CA LEU A 169 -7.73 22.27 9.24
C LEU A 169 -9.01 22.73 9.89
N TYR A 170 -9.26 22.19 11.07
CA TYR A 170 -10.38 22.59 11.93
C TYR A 170 -10.38 24.12 12.16
N ASN A 171 -9.22 24.72 12.45
CA ASN A 171 -9.16 26.17 12.63
C ASN A 171 -9.52 26.85 11.34
N LYS A 172 -8.88 26.44 10.25
CA LYS A 172 -9.12 26.99 8.92
C LYS A 172 -10.57 26.86 8.53
N MET A 173 -11.20 25.74 8.86
CA MET A 173 -12.60 25.52 8.49
C MET A 173 -13.56 26.30 9.34
N GLN A 174 -13.21 26.58 10.59
CA GLN A 174 -14.03 27.47 11.43
C GLN A 174 -14.13 28.82 10.76
N THR A 175 -12.97 29.42 10.42
CA THR A 175 -12.96 30.78 9.89
C THR A 175 -13.71 30.84 8.56
N LEU A 176 -13.52 29.84 7.72
CA LEU A 176 -14.21 29.80 6.44
C LEU A 176 -15.71 29.75 6.59
N CYS A 177 -16.19 28.79 7.35
CA CYS A 177 -17.60 28.43 7.40
C CYS A 177 -18.47 29.40 8.21
N SER A 178 -17.83 30.15 9.10
CA SER A 178 -18.42 31.35 9.70
C SER A 178 -18.94 32.34 8.64
N LYS A 179 -18.19 32.52 7.55
CA LYS A 179 -18.58 33.47 6.50
C LYS A 179 -19.85 33.05 5.83
N ASP A 180 -19.91 31.79 5.43
CA ASP A 180 -21.09 31.24 4.74
C ASP A 180 -21.05 29.71 4.90
N ALA A 181 -21.84 29.23 5.83
CA ALA A 181 -21.97 27.80 6.06
C ALA A 181 -22.82 27.08 5.04
N SER A 182 -23.38 27.79 4.06
CA SER A 182 -24.14 27.16 3.00
C SER A 182 -23.32 26.38 2.02
N VAL A 183 -22.05 26.76 1.89
CA VAL A 183 -21.18 26.16 0.86
C VAL A 183 -20.97 24.68 1.16
N PRO A 184 -21.32 23.80 0.21
CA PRO A 184 -21.52 22.38 0.54
C PRO A 184 -20.36 21.74 1.28
N ILE A 185 -19.16 22.29 1.13
CA ILE A 185 -18.07 21.85 1.98
C ILE A 185 -18.32 22.10 3.48
N CYS A 186 -18.80 23.28 3.82
CA CYS A 186 -19.14 23.61 5.21
C CYS A 186 -20.37 22.85 5.69
N GLU A 187 -21.23 22.42 4.79
CA GLU A 187 -22.33 21.56 5.20
C GLU A 187 -21.82 20.23 5.73
N SER A 188 -20.91 19.62 4.97
CA SER A 188 -20.28 18.38 5.38
C SER A 188 -19.49 18.51 6.69
N PHE A 189 -18.79 19.62 6.88
CA PHE A 189 -18.05 19.91 8.12
C PHE A 189 -18.97 19.84 9.33
N LEU A 190 -20.11 20.52 9.24
CA LEU A 190 -21.08 20.57 10.31
C LEU A 190 -21.67 19.21 10.52
N HIS A 191 -21.95 18.52 9.41
CA HIS A 191 -22.48 17.17 9.49
C HIS A 191 -21.64 16.24 10.35
N HIS A 192 -20.32 16.39 10.22
CA HIS A 192 -19.36 15.55 10.89
C HIS A 192 -19.04 16.02 12.29
N LEU A 193 -19.26 17.29 12.58
CA LEU A 193 -19.19 17.78 13.95
C LEU A 193 -20.33 17.13 14.71
N ARG A 194 -21.52 17.16 14.11
CA ARG A 194 -22.66 16.50 14.73
C ARG A 194 -22.41 15.05 15.04
N ALA A 195 -21.80 14.36 14.10
CA ALA A 195 -21.39 12.99 14.28
C ALA A 195 -20.39 12.82 15.42
N HIS A 196 -19.54 13.81 15.67
CA HIS A 196 -18.57 13.75 16.77
C HIS A 196 -19.27 13.77 18.12
N ASN A 197 -20.22 14.68 18.29
CA ASN A 197 -21.23 14.57 19.36
C ASN A 197 -20.63 14.68 20.76
N THR A 198 -19.92 15.78 20.97
CA THR A 198 -19.34 16.12 22.23
C THR A 198 -19.78 17.52 22.51
N GLU A 199 -19.46 18.02 23.70
CA GLU A 199 -19.86 19.36 24.06
C GLU A 199 -19.22 20.33 23.06
N ASP A 200 -17.93 20.08 22.79
CA ASP A 200 -17.14 20.95 21.97
C ASP A 200 -17.56 21.01 20.52
N SER A 201 -17.94 19.88 19.95
CA SER A 201 -18.47 19.88 18.60
C SER A 201 -19.85 20.62 18.52
N LYS A 202 -20.69 20.43 19.53
CA LYS A 202 -21.99 21.08 19.60
C LYS A 202 -21.88 22.62 19.71
N GLU A 203 -21.04 23.10 20.60
CA GLU A 203 -20.96 24.53 20.83
C GLU A 203 -20.21 25.23 19.72
N MET A 204 -19.39 24.48 19.00
CA MET A 204 -18.78 24.96 17.76
C MET A 204 -19.82 25.14 16.65
N ILE A 205 -20.73 24.18 16.52
CA ILE A 205 -21.79 24.28 15.55
C ILE A 205 -22.55 25.56 15.89
N ASP A 206 -23.08 25.62 17.10
CA ASP A 206 -23.79 26.82 17.55
C ASP A 206 -22.95 28.09 17.29
N TYR A 207 -21.67 28.06 17.60
CA TYR A 207 -20.79 29.17 17.27
C TYR A 207 -20.74 29.54 15.78
N ILE A 208 -20.67 28.53 14.92
CA ILE A 208 -20.55 28.75 13.48
C ILE A 208 -21.89 29.26 13.01
N LEU A 209 -22.91 28.47 13.29
CA LEU A 209 -24.28 28.82 12.99
C LEU A 209 -24.71 30.23 13.49
N ARG A 210 -24.20 30.66 14.66
CA ARG A 210 -24.61 31.94 15.25
C ARG A 210 -23.93 33.12 14.61
N GLN A 211 -22.96 32.88 13.73
CA GLN A 211 -22.29 33.95 12.99
C GLN A 211 -22.81 34.10 11.55
N GLN A 212 -23.79 33.29 11.18
CA GLN A 212 -24.29 33.34 9.84
C GLN A 212 -24.95 34.66 9.43
N SER A 213 -25.06 34.86 8.13
CA SER A 213 -25.51 36.12 7.57
C SER A 213 -26.99 36.33 7.74
N ALA A 214 -27.41 37.53 7.40
CA ALA A 214 -28.79 37.91 7.48
C ALA A 214 -29.68 36.99 6.67
N ASP A 215 -29.30 36.75 5.42
CA ASP A 215 -30.14 35.93 4.57
C ASP A 215 -30.12 34.46 5.00
N PHE A 216 -28.99 33.97 5.47
CA PHE A 216 -28.87 32.55 5.84
C PHE A 216 -29.90 32.17 6.85
N LYS A 217 -30.02 33.00 7.87
CA LYS A 217 -30.89 32.64 8.95
C LYS A 217 -32.34 32.55 8.49
N GLN A 218 -32.78 33.46 7.62
CA GLN A 218 -34.14 33.39 7.14
C GLN A 218 -34.30 32.36 6.04
N LYS A 219 -33.22 32.07 5.32
CA LYS A 219 -33.33 31.09 4.26
C LYS A 219 -33.24 29.69 4.85
N TYR A 220 -32.43 29.52 5.91
CA TYR A 220 -32.03 28.18 6.38
C TYR A 220 -32.39 27.81 7.83
N MET A 221 -32.45 28.80 8.73
CA MET A 221 -32.62 28.57 10.16
C MET A 221 -33.95 29.13 10.74
N ARG A 222 -35.02 29.05 9.96
CA ARG A 222 -36.32 29.41 10.46
C ARG A 222 -36.77 28.55 11.63
N CYS A 223 -36.37 27.27 11.66
CA CYS A 223 -36.68 26.39 12.79
C CYS A 223 -36.04 26.88 14.07
N SER A 224 -34.79 27.34 13.98
CA SER A 224 -34.04 27.85 15.13
C SER A 224 -34.33 29.30 15.48
N TYR A 225 -34.84 30.05 14.51
CA TYR A 225 -35.18 31.46 14.71
C TYR A 225 -36.61 31.59 14.26
N PRO A 226 -37.52 31.17 15.14
CA PRO A 226 -38.94 31.33 14.81
C PRO A 226 -39.36 32.78 14.93
N THR A 227 -40.43 33.14 14.22
CA THR A 227 -41.13 34.40 14.49
C THR A 227 -41.79 34.34 15.88
N ARG A 228 -41.93 35.48 16.56
CA ARG A 228 -42.49 35.47 17.92
C ARG A 228 -43.91 34.87 17.95
N ASP A 229 -44.73 35.20 16.95
CA ASP A 229 -46.09 34.59 16.80
C ASP A 229 -46.01 33.04 16.94
N LYS A 230 -44.99 32.49 16.30
CA LYS A 230 -44.66 31.06 16.33
C LYS A 230 -44.18 30.69 17.72
N LEU A 231 -43.25 31.49 18.23
CA LEU A 231 -42.58 31.20 19.50
C LEU A 231 -43.58 31.13 20.65
N GLU A 232 -44.52 32.07 20.67
CA GLU A 232 -45.49 32.15 21.76
C GLU A 232 -46.57 31.06 21.73
N GLU A 233 -46.83 30.46 20.56
CA GLU A 233 -47.63 29.21 20.53
C GLU A 233 -46.94 28.07 21.24
N SER A 234 -45.61 28.03 21.18
CA SER A 234 -44.87 26.89 21.71
C SER A 234 -44.97 26.82 23.22
N LEU A 235 -45.11 27.98 23.83
CA LEU A 235 -45.16 28.04 25.27
C LEU A 235 -46.36 27.25 25.77
N LYS A 236 -47.47 27.34 25.04
CA LYS A 236 -48.70 26.69 25.43
C LYS A 236 -48.55 25.19 25.52
N TYR A 237 -47.88 24.58 24.57
CA TYR A 237 -47.84 23.13 24.57
C TYR A 237 -46.61 22.58 25.29
N ALA A 238 -46.80 21.47 25.97
CA ALA A 238 -45.69 20.74 26.57
C ALA A 238 -44.94 19.89 25.54
N GLU A 239 -45.45 19.80 24.30
CA GLU A 239 -44.70 19.16 23.22
C GLU A 239 -43.68 20.21 22.80
N PRO A 240 -42.47 19.79 22.45
CA PRO A 240 -41.60 20.86 21.92
C PRO A 240 -42.12 21.45 20.63
N ARG A 241 -41.75 22.69 20.36
CA ARG A 241 -42.21 23.40 19.17
C ARG A 241 -41.87 22.57 17.95
N GLU A 242 -40.66 22.03 17.95
CA GLU A 242 -40.14 21.32 16.82
C GLU A 242 -41.00 20.14 16.42
N CYS A 243 -41.60 19.47 17.40
CA CYS A 243 -42.42 18.32 17.11
C CYS A 243 -43.63 18.63 16.24
N TRP A 244 -43.99 19.91 16.13
CA TRP A 244 -45.11 20.30 15.26
C TRP A 244 -44.74 21.39 14.26
N ASP A 245 -44.00 22.41 14.70
CA ASP A 245 -43.67 23.56 13.84
C ASP A 245 -43.30 23.13 12.41
N PRO A 246 -44.14 23.45 11.40
CA PRO A 246 -43.84 23.12 10.00
C PRO A 246 -42.51 23.62 9.48
N GLU A 247 -41.97 24.67 10.09
CA GLU A 247 -40.62 25.13 9.75
C GLU A 247 -39.52 24.15 10.15
N CYS A 248 -39.78 23.24 11.09
CA CYS A 248 -38.80 22.26 11.53
C CYS A 248 -38.90 20.89 10.90
N SER A 249 -40.08 20.50 10.45
CA SER A 249 -40.23 19.23 9.73
C SER A 249 -39.55 19.29 8.37
N ASN A 250 -39.66 20.47 7.74
CA ASN A 250 -38.98 20.74 6.48
C ASN A 250 -37.47 20.75 6.64
N ALA A 251 -37.00 21.42 7.70
CA ALA A 251 -35.67 22.05 7.77
C ALA A 251 -34.48 21.13 7.52
N ASN A 252 -33.33 21.70 7.20
CA ASN A 252 -32.14 20.90 6.94
C ASN A 252 -31.41 20.78 8.28
N VAL A 253 -31.27 19.53 8.73
CA VAL A 253 -30.69 19.22 10.04
C VAL A 253 -29.26 19.76 10.23
N ASN A 254 -28.49 19.86 9.16
CA ASN A 254 -27.15 20.43 9.27
C ASN A 254 -27.14 21.91 9.65
N PHE A 255 -28.28 22.59 9.66
CA PHE A 255 -28.30 24.00 10.06
C PHE A 255 -29.07 24.30 11.32
N LEU A 256 -29.63 23.27 11.96
CA LEU A 256 -30.25 23.40 13.26
C LEU A 256 -29.18 23.67 14.30
N LEU A 257 -29.51 24.48 15.30
CA LEU A 257 -28.70 24.63 16.49
C LEU A 257 -28.82 23.33 17.26
N THR A 258 -27.97 23.15 18.27
CA THR A 258 -27.99 21.90 19.06
C THR A 258 -29.30 21.67 19.80
N ARG A 259 -29.83 22.69 20.45
CA ARG A 259 -31.06 22.56 21.18
C ARG A 259 -32.15 22.01 20.30
N ASN A 260 -32.36 22.70 19.18
CA ASN A 260 -33.34 22.28 18.16
C ASN A 260 -33.07 20.88 17.58
N TYR A 261 -31.79 20.61 17.34
CA TYR A 261 -31.39 19.33 16.82
C TYR A 261 -31.70 18.24 17.82
N ASN A 262 -31.30 18.48 19.07
CA ASN A 262 -31.66 17.62 20.17
C ASN A 262 -33.16 17.40 20.14
N ASN A 263 -33.90 18.49 20.26
CA ASN A 263 -35.35 18.42 20.47
C ASN A 263 -36.10 17.59 19.43
N LEU A 264 -35.68 17.63 18.17
CA LEU A 264 -36.40 16.93 17.13
C LEU A 264 -36.53 15.45 17.37
N GLY A 265 -35.55 14.86 18.04
CA GLY A 265 -35.61 13.45 18.39
C GLY A 265 -36.68 13.01 19.38
N LEU A 266 -37.32 13.96 20.09
CA LEU A 266 -38.19 13.63 21.22
C LEU A 266 -39.68 13.38 20.89
N CYS A 267 -40.02 13.27 19.62
CA CYS A 267 -41.43 13.32 19.22
C CYS A 267 -42.01 11.94 18.84
N ASN A 268 -42.88 11.38 19.70
CA ASN A 268 -43.43 10.00 19.59
C ASN A 268 -42.36 8.88 19.59
N LEU B 7 56.65 -26.88 -16.12
CA LEU B 7 55.59 -27.56 -16.86
C LEU B 7 55.89 -29.05 -16.82
N ASN B 8 55.89 -29.65 -15.63
CA ASN B 8 56.03 -31.11 -15.54
C ASN B 8 55.54 -31.66 -14.22
N ARG B 9 55.39 -32.98 -14.16
CA ARG B 9 54.96 -33.70 -12.98
C ARG B 9 53.78 -33.07 -12.24
N ILE B 10 52.71 -32.86 -12.98
CA ILE B 10 51.51 -32.37 -12.34
C ILE B 10 50.97 -33.53 -11.53
N LYS B 11 50.61 -33.29 -10.26
CA LYS B 11 50.00 -34.35 -9.48
C LYS B 11 49.07 -33.81 -8.43
N ILE B 12 48.01 -34.56 -8.13
CA ILE B 12 47.03 -34.09 -7.19
C ILE B 12 47.23 -34.84 -5.91
N ALA B 13 47.74 -34.15 -4.90
CA ALA B 13 47.97 -34.78 -3.62
C ALA B 13 46.72 -34.64 -2.77
N PRO B 14 46.25 -35.74 -2.12
CA PRO B 14 45.14 -35.61 -1.15
C PRO B 14 45.44 -34.67 0.00
N GLY B 15 44.39 -34.12 0.57
CA GLY B 15 44.51 -33.27 1.75
C GLY B 15 44.75 -34.08 3.01
N ILE B 16 45.01 -33.39 4.12
CA ILE B 16 45.10 -34.03 5.44
C ILE B 16 43.72 -34.19 6.08
N ALA B 17 42.87 -33.16 5.95
CA ALA B 17 41.58 -33.08 6.67
C ALA B 17 40.41 -32.88 5.72
N ASP B 18 40.23 -31.66 5.19
CA ASP B 18 39.06 -31.36 4.36
C ASP B 18 39.19 -32.17 3.07
N ILE B 19 38.29 -33.14 2.87
CA ILE B 19 38.23 -33.84 1.58
C ILE B 19 38.08 -32.84 0.40
N ARG B 20 37.33 -31.75 0.59
CA ARG B 20 37.22 -30.71 -0.46
C ARG B 20 38.57 -30.08 -0.75
N ASP B 21 39.32 -29.80 0.32
CA ASP B 21 40.71 -29.32 0.19
C ASP B 21 41.59 -30.40 -0.40
N LYS B 22 42.52 -29.98 -1.25
CA LYS B 22 43.46 -30.85 -1.94
C LYS B 22 44.77 -30.06 -2.08
N TYR B 23 45.80 -30.70 -2.63
CA TYR B 23 47.08 -30.05 -2.93
C TYR B 23 47.49 -30.41 -4.35
N MET B 24 47.86 -29.38 -5.12
CA MET B 24 48.33 -29.53 -6.48
C MET B 24 49.84 -29.33 -6.53
N GLU B 25 50.58 -30.43 -6.66
CA GLU B 25 52.06 -30.39 -6.77
C GLU B 25 52.46 -30.21 -8.23
N LEU B 26 53.59 -29.51 -8.45
CA LEU B 26 54.12 -29.30 -9.80
C LEU B 26 55.60 -28.91 -9.89
N GLY B 27 56.27 -29.44 -10.92
CA GLY B 27 57.63 -29.06 -11.32
C GLY B 27 57.58 -28.17 -12.55
N PHE B 28 58.69 -27.48 -12.83
CA PHE B 28 58.73 -26.49 -13.91
C PHE B 28 60.00 -26.52 -14.73
N ASN B 29 59.89 -25.96 -15.95
CA ASN B 29 61.08 -25.76 -16.78
C ASN B 29 62.07 -24.83 -16.08
N TYR B 30 61.58 -23.74 -15.48
CA TYR B 30 62.32 -22.94 -14.47
C TYR B 30 62.05 -23.55 -13.06
N PRO B 31 63.04 -24.19 -12.42
CA PRO B 31 62.76 -24.87 -11.13
C PRO B 31 62.40 -23.98 -9.94
N GLU B 32 62.75 -22.70 -9.99
CA GLU B 32 62.40 -21.74 -8.93
C GLU B 32 60.90 -21.52 -8.81
N TYR B 33 60.14 -21.95 -9.82
CA TYR B 33 58.68 -21.81 -9.76
C TYR B 33 58.03 -23.05 -9.20
N ASN B 34 58.77 -23.90 -8.50
CA ASN B 34 58.21 -25.16 -8.02
C ASN B 34 57.18 -24.95 -6.94
N ARG B 35 56.25 -25.88 -6.77
CA ARG B 35 55.07 -25.61 -5.92
C ARG B 35 54.32 -26.74 -5.24
N ALA B 36 53.62 -26.42 -4.16
CA ALA B 36 52.67 -27.37 -3.57
C ALA B 36 51.40 -26.62 -3.18
N VAL B 37 50.56 -26.32 -4.17
CA VAL B 37 49.38 -25.44 -3.96
C VAL B 37 48.16 -26.09 -3.30
N LYS B 38 47.60 -25.41 -2.30
CA LYS B 38 46.43 -25.93 -1.59
C LYS B 38 45.22 -25.37 -2.26
N PHE B 39 44.22 -26.21 -2.46
CA PHE B 39 43.03 -25.78 -3.18
C PHE B 39 41.87 -26.63 -2.80
N ALA B 40 40.69 -26.07 -2.91
CA ALA B 40 39.54 -26.82 -2.55
C ALA B 40 38.57 -26.80 -3.68
N GLU B 41 37.66 -27.77 -3.70
CA GLU B 41 36.58 -27.75 -4.69
C GLU B 41 35.29 -28.44 -4.26
N GLU B 42 34.18 -28.04 -4.87
CA GLU B 42 32.92 -28.77 -4.80
C GLU B 42 32.45 -29.04 -3.40
N SER B 43 32.28 -27.99 -2.64
CA SER B 43 31.68 -28.15 -1.35
C SER B 43 30.33 -28.76 -1.65
N TYR B 44 29.94 -29.75 -0.86
CA TYR B 44 28.68 -30.45 -1.09
C TYR B 44 27.45 -29.54 -1.16
N THR B 45 26.43 -29.97 -1.87
CA THR B 45 25.22 -29.17 -1.98
C THR B 45 24.61 -28.85 -0.63
N TYR B 46 24.32 -27.60 -0.36
CA TYR B 46 23.95 -27.17 0.99
C TYR B 46 22.46 -27.01 1.26
N TYR B 47 22.00 -27.60 2.34
CA TYR B 47 20.62 -27.49 2.78
C TYR B 47 20.64 -26.67 4.04
N TYR B 48 21.68 -25.87 4.21
CA TYR B 48 21.86 -25.12 5.44
C TYR B 48 22.88 -23.96 5.21
N GLU B 49 23.29 -23.26 6.28
CA GLU B 49 24.10 -22.07 6.17
C GLU B 49 25.53 -22.19 6.66
N THR B 50 26.45 -21.60 5.92
CA THR B 50 27.84 -21.55 6.33
C THR B 50 28.00 -20.71 7.57
N SER B 51 27.37 -19.55 7.59
CA SER B 51 27.62 -18.62 8.68
C SER B 51 26.33 -17.89 9.01
N PRO B 52 26.32 -17.04 10.06
CA PRO B 52 25.03 -16.37 10.29
C PRO B 52 24.53 -15.70 9.01
N GLY B 53 23.37 -16.14 8.55
CA GLY B 53 22.69 -15.58 7.37
C GLY B 53 23.42 -15.73 6.03
N GLU B 54 24.52 -16.47 6.04
CA GLU B 54 25.48 -16.48 4.96
C GLU B 54 25.62 -17.92 4.46
N ILE B 55 26.02 -18.06 3.21
CA ILE B 55 26.45 -19.38 2.73
C ILE B 55 27.45 -19.15 1.63
N LYS B 56 28.68 -19.57 1.86
CA LYS B 56 29.76 -19.36 0.93
C LYS B 56 30.31 -20.66 0.40
N PRO B 57 29.92 -21.03 -0.83
CA PRO B 57 30.45 -22.24 -1.43
C PRO B 57 31.93 -22.15 -1.63
N LYS B 58 32.61 -23.27 -1.49
CA LYS B 58 34.07 -23.29 -1.62
C LYS B 58 34.41 -23.34 -3.07
N PHE B 59 34.26 -22.21 -3.73
CA PHE B 59 34.36 -22.22 -5.19
C PHE B 59 34.67 -20.78 -5.61
N CYS B 60 35.60 -20.60 -6.54
CA CYS B 60 35.95 -19.27 -7.03
C CYS B 60 35.27 -18.99 -8.35
N LEU B 61 34.49 -17.93 -8.43
CA LEU B 61 33.81 -17.60 -9.65
C LEU B 61 34.71 -16.69 -10.45
N ILE B 62 35.37 -17.29 -11.42
CA ILE B 62 36.24 -16.59 -12.32
C ILE B 62 35.46 -15.56 -13.08
N ASP B 63 36.12 -14.45 -13.40
CA ASP B 63 35.47 -13.38 -14.16
C ASP B 63 34.98 -13.94 -15.46
N GLY B 64 33.71 -13.72 -15.75
CA GLY B 64 33.11 -14.24 -16.95
C GLY B 64 32.38 -15.57 -16.82
N MET B 65 32.52 -16.26 -15.69
CA MET B 65 31.87 -17.56 -15.52
C MET B 65 30.38 -17.36 -15.15
N SER B 66 29.54 -18.27 -15.59
CA SER B 66 28.11 -18.16 -15.39
C SER B 66 27.76 -18.24 -13.92
N ILE B 67 26.89 -17.31 -13.52
CA ILE B 67 26.47 -17.07 -12.14
C ILE B 67 25.94 -18.32 -11.48
N ASP B 68 25.11 -19.05 -12.21
CA ASP B 68 24.54 -20.31 -11.71
C ASP B 68 25.55 -21.32 -11.17
N HIS B 69 26.80 -21.25 -11.61
CA HIS B 69 27.80 -22.18 -11.11
C HIS B 69 27.98 -22.05 -9.61
N CYS B 70 27.81 -20.85 -9.05
CA CYS B 70 27.84 -20.71 -7.59
C CYS B 70 26.68 -21.46 -6.96
N SER B 71 25.55 -21.37 -7.65
CA SER B 71 24.27 -21.85 -7.18
C SER B 71 24.16 -23.36 -7.21
N SER B 72 25.04 -24.02 -7.95
CA SER B 72 24.95 -25.48 -8.11
C SER B 72 25.20 -26.29 -6.85
N PHE B 73 25.78 -25.66 -5.81
CA PHE B 73 26.03 -26.31 -4.53
C PHE B 73 25.01 -25.93 -3.47
N ILE B 74 23.77 -25.64 -3.85
CA ILE B 74 22.68 -25.41 -2.89
C ILE B 74 21.44 -26.15 -3.35
N VAL B 75 20.86 -26.95 -2.45
CA VAL B 75 19.59 -27.62 -2.76
C VAL B 75 18.58 -26.54 -3.16
N PRO B 76 18.00 -26.67 -4.36
CA PRO B 76 17.13 -25.64 -4.92
C PRO B 76 15.97 -25.12 -4.10
N GLU B 77 15.42 -25.90 -3.19
CA GLU B 77 14.33 -25.37 -2.35
C GLU B 77 14.90 -24.41 -1.34
N PHE B 78 15.93 -24.85 -0.66
CA PHE B 78 16.61 -24.03 0.28
C PHE B 78 17.21 -22.79 -0.39
N ALA B 79 17.45 -22.86 -1.69
CA ALA B 79 18.04 -21.75 -2.43
C ALA B 79 17.14 -20.54 -2.68
N LYS B 80 15.83 -20.75 -2.82
CA LYS B 80 14.88 -19.67 -3.20
C LYS B 80 14.97 -18.38 -2.39
N GLN B 81 15.31 -18.52 -1.11
CA GLN B 81 15.46 -17.42 -0.16
C GLN B 81 16.69 -16.55 -0.38
N TYR B 82 17.77 -17.13 -0.91
CA TYR B 82 19.12 -16.53 -0.84
C TYR B 82 19.47 -15.75 -2.10
N VAL B 83 20.18 -14.64 -1.91
CA VAL B 83 20.64 -13.78 -3.00
C VAL B 83 22.12 -13.87 -3.06
N LEU B 84 22.65 -13.71 -4.26
CA LEU B 84 24.09 -13.77 -4.49
C LEU B 84 24.68 -12.36 -4.60
N ILE B 85 25.53 -11.98 -3.65
CA ILE B 85 26.21 -10.69 -3.69
C ILE B 85 27.70 -10.89 -4.00
N HIS B 86 28.43 -9.78 -4.14
CA HIS B 86 29.87 -9.81 -4.40
C HIS B 86 30.65 -10.46 -3.26
N GLY B 87 31.89 -10.84 -3.56
CA GLY B 87 32.77 -11.61 -2.65
C GLY B 87 34.25 -11.30 -2.84
N GLU B 88 35.11 -11.83 -1.98
CA GLU B 88 36.49 -11.34 -1.90
C GLU B 88 37.26 -11.99 -3.03
N PRO B 89 38.26 -11.27 -3.60
CA PRO B 89 39.11 -11.79 -4.68
C PRO B 89 39.69 -13.14 -4.40
N CYS B 90 39.61 -14.02 -5.38
CA CYS B 90 40.21 -15.34 -5.31
C CYS B 90 40.82 -15.63 -6.67
N SER B 91 41.69 -16.63 -6.67
CA SER B 91 42.34 -17.10 -7.86
C SER B 91 42.02 -18.59 -8.11
N SER B 92 42.04 -18.96 -9.40
CA SER B 92 41.75 -20.32 -9.82
C SER B 92 42.62 -20.80 -11.00
N PHE B 93 42.79 -22.11 -11.08
CA PHE B 93 43.48 -22.77 -12.20
C PHE B 93 42.60 -22.77 -13.43
N LYS B 94 42.97 -22.02 -14.46
CA LYS B 94 42.16 -21.97 -15.66
C LYS B 94 41.68 -23.37 -16.06
N PHE B 95 42.62 -24.26 -16.23
CA PHE B 95 42.33 -25.63 -16.74
C PHE B 95 41.38 -26.45 -15.86
N ARG B 96 41.20 -26.02 -14.62
CA ARG B 96 40.33 -26.69 -13.68
C ARG B 96 39.43 -25.62 -13.03
N PRO B 97 38.79 -24.76 -13.86
CA PRO B 97 38.20 -23.53 -13.35
C PRO B 97 37.14 -23.77 -12.29
N GLY B 98 37.05 -22.86 -11.33
CA GLY B 98 36.25 -23.04 -10.12
C GLY B 98 37.01 -23.63 -8.96
N SER B 99 38.32 -23.82 -9.12
CA SER B 99 39.18 -24.29 -8.03
C SER B 99 39.48 -23.11 -7.10
N LEU B 100 39.30 -23.28 -5.79
CA LEU B 100 39.71 -22.22 -4.82
C LEU B 100 41.15 -22.37 -4.34
N ILE B 101 42.03 -21.51 -4.79
CA ILE B 101 43.40 -21.51 -4.32
C ILE B 101 43.42 -20.83 -2.96
N TYR B 102 44.04 -21.49 -1.99
CA TYR B 102 44.35 -20.88 -0.69
C TYR B 102 45.76 -20.35 -0.66
N TYR B 103 45.92 -19.11 -0.22
CA TYR B 103 47.26 -18.51 -0.13
C TYR B 103 47.87 -18.82 1.22
N GLN B 104 48.70 -19.83 1.29
CA GLN B 104 49.37 -20.19 2.53
C GLN B 104 50.86 -20.31 2.31
N ASN B 105 51.65 -19.65 3.16
CA ASN B 105 53.12 -19.71 3.13
C ASN B 105 53.82 -19.56 1.77
N GLU B 106 54.60 -20.54 1.35
CA GLU B 106 55.30 -20.45 0.09
C GLU B 106 54.34 -19.94 -0.96
N VAL B 107 53.12 -20.45 -0.90
CA VAL B 107 52.09 -19.99 -1.81
C VAL B 107 51.76 -18.58 -1.40
N THR B 108 52.09 -17.60 -2.26
CA THR B 108 51.97 -16.18 -1.91
C THR B 108 51.54 -15.28 -3.08
N PRO B 109 50.74 -14.23 -2.82
CA PRO B 109 50.18 -13.44 -3.94
C PRO B 109 51.18 -13.02 -5.01
N GLU B 110 52.42 -12.74 -4.61
CA GLU B 110 53.52 -12.45 -5.56
C GLU B 110 53.66 -13.58 -6.57
N TYR B 111 53.83 -14.78 -6.02
CA TYR B 111 53.96 -16.00 -6.80
C TYR B 111 52.87 -16.02 -7.86
N ILE B 112 51.64 -15.86 -7.40
CA ILE B 112 50.50 -16.06 -8.27
C ILE B 112 50.45 -14.96 -9.30
N LYS B 113 50.71 -13.72 -8.89
CA LYS B 113 50.74 -12.61 -9.84
C LYS B 113 51.70 -12.97 -10.91
N ASP B 114 52.85 -13.45 -10.47
CA ASP B 114 53.91 -13.77 -11.41
C ASP B 114 53.58 -14.91 -12.36
N LEU B 115 52.98 -15.98 -11.84
CA LEU B 115 52.68 -17.15 -12.64
C LEU B 115 51.79 -16.73 -13.78
N LYS B 116 50.81 -15.90 -13.49
CA LYS B 116 49.87 -15.50 -14.50
C LYS B 116 50.62 -14.80 -15.59
N HIS B 117 51.60 -14.01 -15.19
CA HIS B 117 52.30 -13.25 -16.20
C HIS B 117 52.88 -14.26 -17.16
N ALA B 118 53.40 -15.35 -16.63
CA ALA B 118 54.03 -16.37 -17.44
C ALA B 118 53.15 -17.53 -17.88
N THR B 119 51.90 -17.61 -17.44
CA THR B 119 51.09 -18.79 -17.79
C THR B 119 49.61 -18.45 -17.99
N ASP B 120 48.95 -19.31 -18.75
CA ASP B 120 47.52 -19.16 -18.94
C ASP B 120 46.91 -20.28 -18.17
N TYR B 121 47.56 -20.64 -17.08
CA TYR B 121 47.06 -21.65 -16.19
C TYR B 121 46.51 -20.98 -14.96
N ILE B 122 46.29 -19.67 -15.03
CA ILE B 122 45.78 -18.92 -13.90
C ILE B 122 44.66 -18.00 -14.29
N ALA B 123 43.54 -18.12 -13.61
CA ALA B 123 42.46 -17.19 -13.78
C ALA B 123 42.10 -16.64 -12.41
N SER B 124 41.28 -15.60 -12.40
CA SER B 124 40.92 -14.99 -11.12
C SER B 124 39.46 -14.63 -11.12
N GLY B 125 38.91 -14.48 -9.92
CA GLY B 125 37.50 -14.14 -9.77
C GLY B 125 37.14 -13.81 -8.34
N GLN B 126 35.86 -13.98 -8.02
CA GLN B 126 35.36 -13.67 -6.69
C GLN B 126 34.71 -14.89 -6.12
N ARG B 127 34.84 -15.05 -4.82
CA ARG B 127 34.32 -16.22 -4.13
C ARG B 127 32.82 -16.11 -3.99
N CYS B 128 32.14 -17.26 -4.06
CA CYS B 128 30.69 -17.27 -4.01
C CYS B 128 30.23 -16.90 -2.61
N HIS B 129 29.43 -15.84 -2.53
CA HIS B 129 28.92 -15.32 -1.27
C HIS B 129 27.41 -15.18 -1.42
N PHE B 130 26.67 -16.11 -0.85
CA PHE B 130 25.21 -16.01 -0.71
C PHE B 130 24.81 -15.49 0.64
N ILE B 131 23.67 -14.79 0.66
CA ILE B 131 23.16 -14.05 1.82
C ILE B 131 21.65 -14.23 1.87
N LYS B 132 21.07 -14.36 3.07
CA LYS B 132 19.63 -14.63 3.17
C LYS B 132 18.75 -13.39 3.19
N LYS B 133 17.72 -13.38 2.36
CA LYS B 133 16.75 -12.32 2.37
C LYS B 133 15.34 -12.88 2.49
N ASP B 134 14.67 -13.08 1.37
CA ASP B 134 13.33 -13.66 1.35
C ASP B 134 13.04 -14.08 -0.08
N TYR B 135 11.86 -14.61 -0.34
CA TYR B 135 11.50 -15.01 -1.69
C TYR B 135 11.46 -13.85 -2.64
N LEU B 136 11.88 -14.08 -3.89
CA LEU B 136 12.00 -12.99 -4.84
C LEU B 136 10.77 -12.54 -5.60
N LEU B 137 9.95 -13.46 -6.05
CA LEU B 137 8.67 -13.09 -6.70
C LEU B 137 8.75 -12.14 -7.89
N GLY B 138 9.32 -12.56 -9.01
CA GLY B 138 9.35 -11.72 -10.22
C GLY B 138 8.32 -11.87 -11.34
N ASP B 139 7.03 -11.74 -11.06
CA ASP B 139 5.97 -11.85 -12.10
C ASP B 139 4.60 -11.43 -11.52
N SER B 140 3.67 -11.02 -12.38
CA SER B 140 2.33 -10.60 -11.94
C SER B 140 1.53 -11.72 -11.33
N ASP B 141 1.56 -12.89 -11.95
CA ASP B 141 0.78 -14.01 -11.45
C ASP B 141 1.32 -14.37 -10.06
N SER B 142 2.63 -14.38 -9.90
CA SER B 142 3.23 -14.62 -8.57
C SER B 142 2.67 -13.69 -7.50
N VAL B 143 2.40 -12.45 -7.88
CA VAL B 143 1.79 -11.45 -6.97
C VAL B 143 0.37 -11.86 -6.62
N ALA B 144 -0.43 -12.08 -7.66
CA ALA B 144 -1.85 -12.47 -7.53
C ALA B 144 -2.10 -13.69 -6.65
N LYS B 145 -1.18 -14.65 -6.71
CA LYS B 145 -1.29 -15.90 -5.99
C LYS B 145 -1.11 -15.66 -4.49
N CYS B 146 -0.02 -15.01 -4.14
CA CYS B 146 0.28 -14.61 -2.78
C CYS B 146 -0.79 -13.72 -2.17
N CYS B 147 -1.16 -12.64 -2.82
CA CYS B 147 -2.10 -11.68 -2.23
C CYS B 147 -3.49 -12.29 -2.01
N SER B 148 -4.00 -13.04 -2.99
CA SER B 148 -5.31 -13.68 -2.93
C SER B 148 -5.33 -14.91 -2.03
N LYS B 149 -4.18 -15.51 -1.82
CA LYS B 149 -4.00 -16.69 -0.99
C LYS B 149 -4.53 -17.94 -1.67
N THR B 150 -4.62 -17.93 -2.99
CA THR B 150 -4.88 -19.13 -3.78
C THR B 150 -3.64 -20.05 -3.81
N ASN B 151 -2.46 -19.46 -3.66
CA ASN B 151 -1.20 -20.18 -3.42
C ASN B 151 -0.28 -19.32 -2.57
N THR B 152 0.21 -19.85 -1.46
CA THR B 152 0.87 -19.07 -0.42
C THR B 152 2.32 -19.48 -0.23
N LYS B 153 2.74 -20.58 -0.86
CA LYS B 153 3.84 -21.35 -0.30
C LYS B 153 5.20 -20.63 -0.41
N HIS B 154 5.50 -20.10 -1.61
CA HIS B 154 6.77 -19.41 -1.85
C HIS B 154 6.56 -17.89 -1.87
N CYS B 155 6.04 -17.34 -0.78
CA CYS B 155 5.74 -15.89 -0.69
C CYS B 155 6.57 -15.19 0.39
N PRO B 156 7.02 -13.94 0.09
CA PRO B 156 7.67 -13.15 1.12
C PRO B 156 6.69 -12.55 2.08
N LYS B 157 7.20 -12.06 3.19
CA LYS B 157 6.33 -11.56 4.24
C LYS B 157 5.57 -10.35 3.77
N ILE B 158 6.25 -9.47 3.07
CA ILE B 158 5.60 -8.27 2.55
C ILE B 158 4.29 -8.52 1.76
N PHE B 159 4.16 -9.66 1.11
CA PHE B 159 2.97 -10.00 0.34
C PHE B 159 2.25 -11.17 0.98
N ASN B 160 2.53 -11.46 2.24
CA ASN B 160 1.84 -12.55 2.94
C ASN B 160 1.92 -12.34 4.44
N ASN B 161 1.17 -11.33 4.88
CA ASN B 161 1.03 -10.95 6.28
C ASN B 161 -0.44 -10.60 6.58
N ASN B 162 -1.37 -11.30 5.92
CA ASN B 162 -2.81 -11.06 6.11
C ASN B 162 -3.20 -9.61 5.89
N TYR B 163 -2.53 -8.97 4.93
CA TYR B 163 -2.74 -7.55 4.64
C TYR B 163 -2.40 -6.54 5.78
N LYS B 164 -1.43 -6.85 6.65
CA LYS B 164 -0.98 -5.90 7.69
C LYS B 164 -0.30 -4.66 7.08
N THR B 165 0.67 -4.91 6.21
CA THR B 165 1.33 -3.92 5.38
C THR B 165 0.43 -3.77 4.15
N GLU B 166 0.80 -2.91 3.21
CA GLU B 166 -0.11 -2.45 2.18
C GLU B 166 0.21 -2.96 0.84
N HIS B 167 1.18 -3.86 0.75
CA HIS B 167 1.77 -4.21 -0.53
C HIS B 167 0.72 -4.79 -1.46
N CYS B 168 -0.17 -5.61 -0.90
CA CYS B 168 -1.24 -6.22 -1.68
C CYS B 168 -2.42 -5.30 -2.12
N ASP B 169 -2.42 -4.02 -1.74
CA ASP B 169 -3.60 -3.20 -2.02
C ASP B 169 -3.84 -2.99 -3.51
N ASP B 170 -2.79 -2.77 -4.28
CA ASP B 170 -2.96 -2.66 -5.72
C ASP B 170 -3.67 -3.88 -6.31
N PHE B 171 -3.15 -5.07 -6.08
CA PHE B 171 -3.80 -6.28 -6.59
C PHE B 171 -5.23 -6.46 -6.09
N MET B 172 -5.40 -6.32 -4.77
CA MET B 172 -6.72 -6.46 -4.15
C MET B 172 -7.74 -5.42 -4.59
N THR B 173 -7.29 -4.22 -4.94
CA THR B 173 -8.19 -3.25 -5.56
C THR B 173 -8.95 -3.86 -6.75
N GLY B 174 -8.23 -4.46 -7.70
CA GLY B 174 -8.85 -5.09 -8.88
C GLY B 174 -9.50 -6.44 -8.62
N PHE B 175 -8.93 -7.21 -7.71
CA PHE B 175 -9.41 -8.54 -7.39
C PHE B 175 -10.80 -8.48 -6.79
N CYS B 176 -10.96 -7.58 -5.85
CA CYS B 176 -12.13 -7.54 -5.01
C CYS B 176 -13.30 -6.84 -5.67
N ARG B 177 -13.02 -5.83 -6.49
CA ARG B 177 -14.02 -5.30 -7.45
C ARG B 177 -14.77 -6.42 -8.16
N ASN B 178 -14.06 -7.46 -8.52
CA ASN B 178 -14.65 -8.60 -9.21
C ASN B 178 -15.34 -9.57 -8.25
N ASP B 179 -14.65 -9.96 -7.17
CA ASP B 179 -15.24 -10.87 -6.20
C ASP B 179 -15.37 -10.18 -4.85
N PRO B 180 -16.35 -9.26 -4.73
CA PRO B 180 -16.51 -8.53 -3.45
C PRO B 180 -16.79 -9.44 -2.26
N GLY B 181 -17.51 -10.51 -2.50
CA GLY B 181 -17.83 -11.50 -1.48
C GLY B 181 -16.68 -12.38 -1.01
N ASN B 182 -15.59 -12.45 -1.76
CA ASN B 182 -14.42 -13.22 -1.33
C ASN B 182 -14.05 -12.93 0.13
N PRO B 183 -13.91 -13.97 0.97
CA PRO B 183 -13.58 -13.73 2.39
C PRO B 183 -12.29 -13.00 2.62
N ASN B 184 -11.32 -13.22 1.73
CA ASN B 184 -10.01 -12.54 1.79
C ASN B 184 -10.12 -11.08 1.45
N CYS B 185 -10.98 -10.77 0.48
CA CYS B 185 -11.30 -9.38 0.19
C CYS B 185 -11.85 -8.69 1.43
N LEU B 186 -12.62 -9.43 2.20
CA LEU B 186 -13.13 -8.95 3.46
C LEU B 186 -12.08 -8.87 4.58
N GLU B 187 -11.17 -9.83 4.67
CA GLU B 187 -10.05 -9.70 5.64
C GLU B 187 -9.20 -8.45 5.30
N TRP B 188 -9.04 -8.22 4.00
CA TRP B 188 -8.35 -7.06 3.46
C TRP B 188 -9.04 -5.80 3.86
N LEU B 189 -10.33 -5.72 3.55
CA LEU B 189 -11.15 -4.56 3.94
C LEU B 189 -11.15 -4.32 5.43
N ARG B 190 -10.96 -5.35 6.23
CA ARG B 190 -10.97 -5.23 7.67
C ARG B 190 -9.73 -4.50 8.20
N ALA B 191 -8.77 -4.22 7.35
CA ALA B 191 -7.59 -3.47 7.75
C ALA B 191 -7.85 -2.00 7.61
N LYS B 192 -9.00 -1.63 7.09
CA LYS B 192 -9.45 -0.27 7.06
C LYS B 192 -8.48 0.77 6.51
N ARG B 193 -7.71 0.41 5.49
CA ARG B 193 -6.86 1.37 4.82
C ARG B 193 -7.60 1.94 3.64
N LYS B 194 -7.28 3.18 3.29
CA LYS B 194 -8.19 3.98 2.46
C LYS B 194 -8.56 3.37 1.09
N PRO B 195 -7.67 2.63 0.40
CA PRO B 195 -8.10 2.12 -0.93
C PRO B 195 -9.13 0.99 -0.88
N ALA B 196 -9.12 0.20 0.20
CA ALA B 196 -10.12 -0.85 0.43
C ALA B 196 -11.47 -0.22 0.70
N MET B 197 -11.50 0.70 1.64
CA MET B 197 -12.73 1.34 2.03
C MET B 197 -13.31 2.05 0.83
N SER B 198 -12.43 2.77 0.13
CA SER B 198 -12.86 3.46 -1.06
C SER B 198 -13.40 2.50 -2.09
N THR B 199 -12.71 1.38 -2.25
CA THR B 199 -13.13 0.41 -3.23
C THR B 199 -14.53 -0.06 -2.90
N TYR B 200 -14.80 -0.36 -1.64
CA TYR B 200 -16.15 -0.86 -1.26
C TYR B 200 -17.26 0.22 -1.28
N SER B 201 -16.90 1.47 -1.16
CA SER B 201 -17.87 2.55 -1.34
C SER B 201 -18.35 2.54 -2.80
N ASP B 202 -17.42 2.32 -3.74
CA ASP B 202 -17.78 2.19 -5.16
C ASP B 202 -18.64 0.96 -5.42
N ILE B 203 -18.29 -0.17 -4.83
CA ILE B 203 -19.02 -1.40 -5.04
C ILE B 203 -20.44 -1.27 -4.51
N CYS B 204 -20.54 -0.91 -3.26
CA CYS B 204 -21.83 -0.82 -2.61
C CYS B 204 -22.72 0.31 -3.15
N SER B 205 -22.13 1.34 -3.72
CA SER B 205 -22.91 2.37 -4.42
C SER B 205 -23.65 1.75 -5.58
N LYS B 206 -23.10 0.67 -6.13
CA LYS B 206 -23.80 -0.08 -7.17
C LYS B 206 -24.56 -1.27 -6.62
N HIS B 207 -24.06 -1.98 -5.61
CA HIS B 207 -24.70 -3.23 -5.18
C HIS B 207 -24.93 -3.34 -3.69
N MET B 208 -25.38 -2.24 -3.09
CA MET B 208 -25.73 -2.16 -1.65
C MET B 208 -26.53 -3.34 -1.12
N ASP B 209 -27.42 -3.87 -1.95
CA ASP B 209 -28.28 -4.98 -1.55
C ASP B 209 -27.58 -6.30 -1.33
N ALA B 210 -26.31 -6.42 -1.69
CA ALA B 210 -25.57 -7.64 -1.40
C ALA B 210 -25.18 -7.72 0.08
N ARG B 211 -25.02 -8.95 0.54
CA ARG B 211 -24.69 -9.25 1.92
C ARG B 211 -23.29 -8.74 2.25
N TYR B 212 -22.43 -8.74 1.24
CA TYR B 212 -21.07 -8.17 1.40
C TYR B 212 -21.10 -6.65 1.66
N CYS B 213 -22.12 -5.98 1.15
CA CYS B 213 -22.31 -4.62 1.48
C CYS B 213 -22.81 -4.45 2.89
N SER B 214 -23.58 -5.41 3.38
CA SER B 214 -23.97 -5.41 4.80
C SER B 214 -22.71 -5.43 5.65
N GLU B 215 -21.85 -6.41 5.35
CA GLU B 215 -20.59 -6.55 6.04
C GLU B 215 -19.68 -5.35 5.87
N PHE B 216 -19.71 -4.77 4.67
CA PHE B 216 -18.97 -3.55 4.42
C PHE B 216 -19.36 -2.51 5.45
N ILE B 217 -20.64 -2.22 5.53
CA ILE B 217 -21.11 -1.24 6.48
C ILE B 217 -20.70 -1.62 7.91
N ARG B 218 -20.86 -2.89 8.23
CA ARG B 218 -20.54 -3.44 9.54
C ARG B 218 -19.11 -3.14 9.99
N ILE B 219 -18.19 -3.11 9.05
CA ILE B 219 -16.80 -2.80 9.37
C ILE B 219 -16.55 -1.31 9.58
N ILE B 220 -16.81 -0.54 8.54
CA ILE B 220 -16.45 0.89 8.48
C ILE B 220 -17.02 1.72 9.60
N ARG B 221 -18.14 1.29 10.16
CA ARG B 221 -18.72 1.89 11.36
C ARG B 221 -18.11 1.28 12.64
N PRO B 222 -17.87 2.11 13.66
CA PRO B 222 -18.21 3.51 13.70
C PRO B 222 -17.23 4.42 12.98
N ASP B 223 -15.95 4.04 12.89
CA ASP B 223 -14.92 5.03 12.62
C ASP B 223 -14.91 5.66 11.24
N TYR B 224 -15.15 4.88 10.20
CA TYR B 224 -15.05 5.36 8.83
C TYR B 224 -16.39 5.35 8.13
N PHE B 225 -17.38 5.91 8.81
CA PHE B 225 -18.76 5.82 8.39
C PHE B 225 -19.04 6.56 7.09
N THR B 226 -18.38 7.70 6.88
CA THR B 226 -18.55 8.49 5.66
C THR B 226 -18.53 7.63 4.40
N PHE B 227 -17.62 6.66 4.36
CA PHE B 227 -17.48 5.76 3.21
C PHE B 227 -18.72 4.91 2.94
N GLY B 228 -19.53 4.69 3.97
CA GLY B 228 -20.84 4.07 3.79
C GLY B 228 -21.92 5.04 3.41
N ASP B 229 -21.97 6.20 4.07
CA ASP B 229 -22.91 7.28 3.75
C ASP B 229 -22.84 7.66 2.26
N THR B 230 -21.61 7.83 1.75
CA THR B 230 -21.37 8.13 0.34
C THR B 230 -22.03 7.13 -0.59
N ALA B 231 -21.95 5.85 -0.25
CA ALA B 231 -22.50 4.77 -1.04
C ALA B 231 -24.01 4.76 -0.97
N LEU B 232 -24.53 4.95 0.22
CA LEU B 232 -25.96 4.99 0.38
C LEU B 232 -26.58 6.10 -0.46
N TYR B 233 -25.99 7.29 -0.37
CA TYR B 233 -26.46 8.43 -1.13
C TYR B 233 -26.55 8.11 -2.65
N VAL B 234 -25.46 7.64 -3.24
CA VAL B 234 -25.43 7.39 -4.67
C VAL B 234 -26.36 6.23 -5.06
N PHE B 235 -26.33 5.14 -4.28
CA PHE B 235 -27.13 3.99 -4.61
C PHE B 235 -28.58 4.32 -4.69
N CYS B 236 -29.04 5.03 -3.66
CA CYS B 236 -30.43 5.45 -3.56
C CYS B 236 -30.78 6.58 -4.55
N ASN B 237 -29.80 7.36 -4.95
CA ASN B 237 -29.98 8.25 -6.07
C ASN B 237 -30.20 7.48 -7.38
N ASP B 238 -29.41 6.43 -7.59
CA ASP B 238 -29.48 5.60 -8.80
C ASP B 238 -30.61 4.59 -8.81
N HIS B 239 -31.21 4.31 -7.64
CA HIS B 239 -32.32 3.34 -7.53
C HIS B 239 -33.49 3.86 -6.72
N LYS B 240 -34.32 4.66 -7.38
CA LYS B 240 -35.46 5.32 -6.73
C LYS B 240 -36.62 4.31 -6.56
N GLY B 241 -36.73 3.35 -7.50
CA GLY B 241 -37.70 2.25 -7.39
C GLY B 241 -37.54 1.22 -6.26
N ASN B 242 -36.38 1.20 -5.60
CA ASN B 242 -36.10 0.24 -4.54
C ASN B 242 -36.81 0.66 -3.26
N ARG B 243 -37.42 -0.32 -2.58
CA ARG B 243 -38.22 -0.06 -1.37
C ARG B 243 -37.31 0.33 -0.21
N ASN B 244 -36.20 -0.37 -0.09
CA ASN B 244 -35.28 -0.15 1.02
C ASN B 244 -34.64 1.23 1.05
N CYS B 245 -34.76 1.99 -0.04
CA CYS B 245 -34.18 3.33 -0.12
C CYS B 245 -34.99 4.44 0.56
N TRP B 246 -36.25 4.22 0.88
CA TRP B 246 -37.15 5.32 1.17
C TRP B 246 -37.01 5.90 2.56
N CYS B 247 -36.28 5.24 3.46
CA CYS B 247 -35.85 5.91 4.69
C CYS B 247 -34.76 6.95 4.44
N ALA B 248 -33.90 6.70 3.44
CA ALA B 248 -32.79 7.59 3.15
C ALA B 248 -33.12 8.65 2.07
N ASN B 249 -33.95 8.29 1.10
CA ASN B 249 -34.43 9.23 0.08
C ASN B 249 -35.92 9.08 -0.14
N TYR B 250 -36.68 9.62 0.81
CA TYR B 250 -38.14 9.53 0.80
C TYR B 250 -38.75 10.33 -0.35
N PRO B 251 -39.62 9.69 -1.17
CA PRO B 251 -40.08 10.38 -2.40
C PRO B 251 -41.28 11.31 -2.24
N LYS B 252 -41.07 12.48 -1.68
CA LYS B 252 -42.01 13.54 -1.77
C LYS B 252 -41.09 14.42 -2.55
N SER B 253 -41.55 15.03 -3.62
CA SER B 253 -40.60 15.75 -4.49
C SER B 253 -39.84 16.84 -3.75
N ASN B 254 -40.52 17.59 -2.89
CA ASN B 254 -39.82 18.60 -2.12
C ASN B 254 -38.83 17.94 -1.19
N SER B 255 -39.20 16.84 -0.58
CA SER B 255 -38.35 16.31 0.48
C SER B 255 -37.90 14.86 0.46
N GLY B 256 -36.61 14.62 0.31
CA GLY B 256 -36.02 13.32 0.49
C GLY B 256 -35.13 13.37 1.70
N ASP B 257 -35.02 14.56 2.28
CA ASP B 257 -34.23 14.76 3.47
C ASP B 257 -35.16 14.68 4.65
N LYS B 258 -36.44 14.48 4.35
CA LYS B 258 -37.47 14.53 5.39
C LYS B 258 -37.17 13.77 6.68
N TYR B 259 -36.69 12.52 6.57
CA TYR B 259 -36.44 11.69 7.77
C TYR B 259 -34.96 11.39 8.07
N LEU B 260 -34.09 12.32 7.70
CA LEU B 260 -32.69 12.32 8.11
C LEU B 260 -32.50 12.67 9.60
N GLY B 261 -31.34 12.29 10.11
CA GLY B 261 -30.93 12.57 11.48
C GLY B 261 -32.04 12.39 12.49
N PRO B 262 -32.27 13.40 13.37
CA PRO B 262 -33.27 13.32 14.45
C PRO B 262 -34.65 12.84 14.00
N ARG B 263 -34.99 13.27 12.78
CA ARG B 263 -36.27 13.00 12.17
C ARG B 263 -36.52 11.53 11.79
N VAL B 264 -35.49 10.68 11.76
CA VAL B 264 -35.66 9.26 11.42
C VAL B 264 -36.64 8.49 12.29
N CYS B 265 -36.69 8.81 13.57
CA CYS B 265 -37.62 8.16 14.49
C CYS B 265 -39.12 8.43 14.17
N TRP B 266 -39.40 9.44 13.33
CA TRP B 266 -40.77 9.77 12.94
C TRP B 266 -41.46 8.69 12.10
N LEU B 267 -40.79 8.07 11.12
CA LEU B 267 -41.43 7.01 10.34
C LEU B 267 -41.38 5.63 11.07
N HIS B 268 -42.52 4.93 11.09
CA HIS B 268 -42.63 3.58 11.69
C HIS B 268 -41.75 2.55 10.98
N GLU B 269 -41.54 2.74 9.69
CA GLU B 269 -40.81 1.76 8.94
C GLU B 269 -39.35 1.81 9.36
N CYS B 270 -38.84 3.02 9.38
CA CYS B 270 -37.45 3.26 9.70
C CYS B 270 -37.22 2.99 11.15
N THR B 271 -38.29 2.99 11.93
CA THR B 271 -38.16 2.56 13.31
C THR B 271 -37.73 1.13 13.12
N ASP B 272 -36.87 0.63 13.98
CA ASP B 272 -36.35 -0.69 13.70
C ASP B 272 -37.50 -1.62 13.32
N GLU B 273 -37.38 -2.23 12.15
CA GLU B 273 -38.36 -3.18 11.73
C GLU B 273 -37.41 -4.33 11.61
N SER B 274 -36.63 -4.32 10.54
CA SER B 274 -35.55 -5.26 10.39
C SER B 274 -34.33 -4.56 10.97
N ARG B 275 -33.29 -5.33 11.30
CA ARG B 275 -32.06 -4.78 11.93
C ARG B 275 -31.03 -4.19 10.93
N ASP B 276 -31.47 -3.81 9.72
CA ASP B 276 -30.53 -3.64 8.61
C ASP B 276 -29.88 -2.24 8.54
N ARG B 277 -28.87 -2.03 9.40
CA ARG B 277 -28.17 -0.76 9.51
C ARG B 277 -27.94 -0.11 8.15
N LYS B 278 -27.55 -0.92 7.17
CA LYS B 278 -27.03 -0.40 5.91
C LYS B 278 -27.96 0.53 5.14
N TRP B 279 -29.27 0.42 5.36
CA TRP B 279 -30.18 1.24 4.58
C TRP B 279 -30.60 2.49 5.29
N LEU B 280 -29.90 2.83 6.36
CA LEU B 280 -30.10 4.07 7.05
C LEU B 280 -28.71 4.63 7.19
N TYR B 281 -28.56 5.93 7.05
CA TYR B 281 -27.27 6.59 7.21
C TYR B 281 -26.84 6.56 8.65
N TYR B 282 -25.54 6.78 8.86
CA TYR B 282 -24.97 6.74 10.20
C TYR B 282 -25.63 7.72 11.16
N ASN B 283 -25.69 8.98 10.77
CA ASN B 283 -26.37 9.99 11.58
C ASN B 283 -27.81 9.53 11.91
N GLN B 284 -28.46 8.91 10.92
CA GLN B 284 -29.79 8.38 11.11
C GLN B 284 -29.79 7.25 12.15
N ASP B 285 -29.20 6.10 11.84
CA ASP B 285 -29.30 4.95 12.74
C ASP B 285 -28.66 5.11 14.12
N VAL B 286 -27.85 6.14 14.31
CA VAL B 286 -27.51 6.56 15.66
C VAL B 286 -28.80 6.89 16.45
N GLN B 287 -29.64 7.74 15.86
CA GLN B 287 -30.81 8.21 16.56
C GLN B 287 -31.86 7.13 16.74
N ARG B 288 -31.86 6.13 15.88
CA ARG B 288 -32.86 5.08 15.95
C ARG B 288 -32.76 4.44 17.30
N THR B 289 -31.54 4.11 17.68
CA THR B 289 -31.32 3.51 18.96
C THR B 289 -31.57 4.51 20.07
N ARG B 290 -31.16 5.75 19.86
CA ARG B 290 -31.35 6.81 20.87
C ARG B 290 -32.80 6.94 21.31
N CYS B 291 -33.74 6.59 20.44
CA CYS B 291 -35.15 6.64 20.81
C CYS B 291 -35.62 5.44 21.66
C1 GOL C . -26.43 12.73 3.09
O1 GOL C . -25.35 12.93 2.16
C2 GOL C . -25.88 12.94 4.50
O2 GOL C . -25.56 14.32 4.73
C3 GOL C . -26.92 12.46 5.50
O3 GOL C . -26.43 11.22 6.02
#